data_9FZX
#
_entry.id   9FZX
#
_cell.length_a   68.039
_cell.length_b   100.392
_cell.length_c   107.692
_cell.angle_alpha   90.00
_cell.angle_beta   90.00
_cell.angle_gamma   90.00
#
_symmetry.space_group_name_H-M   'P 21 21 21'
#
loop_
_entity.id
_entity.type
_entity.pdbx_description
1 polymer 'DNA ligase'
2 polymer "DNA (5'-D(*TP*TP*CP*CP*GP*AP*CP*AP*GP*TP*GP*GP*GP*GP*TP*CP*GP*CP*AP*AP*T)-3')"
3 polymer DNA
4 polymer "DNA (5'-D(P*CP*AP*CP*TP*AP*TP*CP*GP*GP*AP*A)-3')"
5 non-polymer 2-[BIS-(2-HYDROXY-ETHYL)-AMINO]-2-HYDROXYMETHYL-PROPANE-1,3-DIOL
6 non-polymer 'ADENOSINE MONOPHOSPHATE'
7 water water
#
loop_
_entity_poly.entity_id
_entity_poly.type
_entity_poly.pdbx_seq_one_letter_code
_entity_poly.pdbx_strand_id
1 'polypeptide(L)'
;GLDIFSDNVSEINRISDIINSDLQAIADSKGTNAKKVELAKISEYTFKCFVFHLDPFQNFGISKLSKDAGGGEGIDWSTV
FKLLYEGKGRDLKKRDKSLTTLQAKIINGIFDGF(MSE)DWKPGVKGGSFLDVFPDSYRTFEVQKCANWDPDLFEANSFA
QIKFDGIRCVA(MSE)VDHNGNLTYVSRNGKPVVNIDPRIEEN(MSE)KLHPGWCFDAEADSPAKFQKTSGISRASKSGS
NIKLTLRVFDAIPYDAFLARKYDVQYIERYNDLKS(MSE)WSNNPFLFDLIADHTLVETWEDAQKFYEDSRANGNEGAIV
KKRFGTYNFGRDDSW(MSE)KVKPLETIEARIIGYEEGKPKTKHVGRVGALIVQDYTGAISRVGSG(MSE)SDKERQYIY
DNWDEFENALCEVKF(MSE)ERTESGVFRHSRLSKIRLDKDD(MSE)NPTGA
;
A
2 'polydeoxyribonucleotide'
;(DT)(DT)(DC)(DC)(DG)(DA)(DC)(DA)(DG)(DT)(DG)(DG)(DG)(DG)(DT)(DC)(DG)(DC)(DA)(DA)
(DT)
;
B
3 'polydeoxyribonucleotide' (DA)(DT)(DT)(DG)(DC)(DG)(DA)(DC)(OMC)(DC) C
4 'polydeoxyribonucleotide' (DC)(DA)(DC)(DT)(DA)(DT)(DC)(DG)(DG)(DA)(DA) D
#
# COMPACT_ATOMS: atom_id res chain seq x y z
N SER A 10 15.12 -15.17 36.24
CA SER A 10 14.48 -14.43 35.15
C SER A 10 15.44 -14.22 33.98
N GLU A 11 15.20 -15.00 32.92
CA GLU A 11 15.99 -14.93 31.69
C GLU A 11 15.64 -13.73 30.83
N ILE A 12 14.92 -12.75 31.40
CA ILE A 12 14.42 -11.62 30.61
C ILE A 12 15.58 -10.80 30.05
N ASN A 13 16.55 -10.46 30.90
CA ASN A 13 17.59 -9.53 30.49
C ASN A 13 18.56 -10.16 29.49
N ARG A 14 18.70 -11.48 29.50
CA ARG A 14 19.52 -12.15 28.49
C ARG A 14 18.87 -12.04 27.12
N ILE A 15 17.54 -12.12 27.06
CA ILE A 15 16.83 -12.08 25.78
C ILE A 15 16.77 -10.66 25.24
N SER A 16 16.56 -9.67 26.11
CA SER A 16 16.52 -8.29 25.66
C SER A 16 17.89 -7.84 25.15
N ASP A 17 18.96 -8.47 25.64
CA ASP A 17 20.30 -8.12 25.19
C ASP A 17 20.60 -8.72 23.81
N ILE A 18 20.20 -9.97 23.57
CA ILE A 18 20.44 -10.55 22.25
C ILE A 18 19.59 -9.85 21.19
N ILE A 19 18.37 -9.42 21.55
CA ILE A 19 17.54 -8.69 20.62
C ILE A 19 18.17 -7.33 20.29
N ASN A 20 18.58 -6.59 21.32
CA ASN A 20 19.22 -5.30 21.10
C ASN A 20 20.55 -5.45 20.36
N SER A 21 21.24 -6.57 20.55
CA SER A 21 22.50 -6.80 19.85
C SER A 21 22.26 -7.11 18.38
N ASP A 22 21.20 -7.87 18.07
CA ASP A 22 20.91 -8.20 16.68
C ASP A 22 20.50 -6.97 15.89
N LEU A 23 19.62 -6.14 16.47
CA LEU A 23 19.16 -4.94 15.76
C LEU A 23 20.33 -3.98 15.52
N GLN A 24 21.19 -3.80 16.51
CA GLN A 24 22.35 -2.94 16.32
C GLN A 24 23.32 -3.51 15.29
N ALA A 25 23.44 -4.84 15.23
CA ALA A 25 24.32 -5.44 14.24
C ALA A 25 23.82 -5.18 12.82
N ILE A 26 22.51 -5.28 12.61
CA ILE A 26 21.96 -5.06 11.28
C ILE A 26 22.05 -3.58 10.90
N ALA A 27 21.82 -2.69 11.86
CA ALA A 27 21.88 -1.26 11.58
C ALA A 27 23.31 -0.81 11.24
N ASP A 28 24.31 -1.44 11.85
CA ASP A 28 25.70 -1.09 11.57
C ASP A 28 26.20 -1.69 10.26
N SER A 29 25.55 -2.74 9.76
CA SER A 29 25.90 -3.27 8.44
C SER A 29 25.43 -2.30 7.36
N LYS A 30 26.29 -2.04 6.39
CA LYS A 30 26.00 -1.08 5.32
C LYS A 30 25.86 -1.81 4.00
N GLY A 31 24.87 -1.41 3.22
CA GLY A 31 24.54 -2.10 1.99
C GLY A 31 23.47 -3.15 2.19
N THR A 32 22.70 -3.40 1.12
CA THR A 32 21.62 -4.37 1.22
C THR A 32 22.15 -5.78 1.43
N ASN A 33 23.20 -6.15 0.72
CA ASN A 33 23.73 -7.51 0.83
C ASN A 33 24.28 -7.77 2.23
N ALA A 34 25.06 -6.84 2.77
CA ALA A 34 25.63 -7.02 4.10
C ALA A 34 24.54 -7.00 5.17
N LYS A 35 23.44 -6.29 4.94
CA LYS A 35 22.35 -6.29 5.91
C LYS A 35 21.60 -7.60 5.90
N LYS A 36 21.54 -8.29 4.75
CA LYS A 36 20.81 -9.54 4.68
C LYS A 36 21.60 -10.72 5.26
N VAL A 37 22.92 -10.70 5.16
CA VAL A 37 23.71 -11.75 5.78
C VAL A 37 23.66 -11.63 7.30
N GLU A 38 23.58 -10.41 7.82
CA GLU A 38 23.41 -10.22 9.25
C GLU A 38 22.01 -10.57 9.70
N LEU A 39 21.01 -10.34 8.84
CA LEU A 39 19.64 -10.72 9.17
C LEU A 39 19.48 -12.23 9.30
N ALA A 40 20.30 -12.99 8.57
CA ALA A 40 20.22 -14.45 8.64
C ALA A 40 20.73 -14.99 9.97
N LYS A 41 21.50 -14.20 10.72
CA LYS A 41 22.11 -14.66 11.97
C LYS A 41 21.30 -14.30 13.21
N ILE A 42 20.10 -13.72 13.04
CA ILE A 42 19.35 -13.25 14.20
C ILE A 42 18.83 -14.45 15.01
N SER A 43 18.49 -14.17 16.26
CA SER A 43 18.04 -15.21 17.18
C SER A 43 16.56 -15.50 16.98
N GLU A 44 16.09 -16.51 17.72
CA GLU A 44 14.66 -16.83 17.72
C GLU A 44 13.83 -15.63 18.16
N TYR A 45 14.31 -14.89 19.16
CA TYR A 45 13.52 -13.80 19.74
C TYR A 45 13.51 -12.57 18.84
N THR A 46 14.64 -12.26 18.20
CA THR A 46 14.67 -11.16 17.24
C THR A 46 13.82 -11.48 16.01
N PHE A 47 13.84 -12.74 15.57
CA PHE A 47 12.97 -13.17 14.47
C PHE A 47 11.50 -12.91 14.81
N LYS A 48 11.09 -13.21 16.05
CA LYS A 48 9.68 -13.08 16.42
C LYS A 48 9.23 -11.63 16.42
N CYS A 49 10.10 -10.72 16.88
CA CYS A 49 9.74 -9.30 16.90
C CYS A 49 9.64 -8.73 15.49
N PHE A 50 10.52 -9.17 14.59
CA PHE A 50 10.41 -8.73 13.20
C PHE A 50 9.11 -9.20 12.58
N VAL A 51 8.73 -10.46 12.83
CA VAL A 51 7.46 -10.97 12.32
C VAL A 51 6.30 -10.17 12.89
N PHE A 52 6.38 -9.83 14.19
CA PHE A 52 5.30 -9.08 14.82
C PHE A 52 5.11 -7.71 14.18
N HIS A 53 6.19 -7.08 13.74
CA HIS A 53 6.08 -5.77 13.11
C HIS A 53 5.67 -5.86 11.65
N LEU A 54 6.11 -6.90 10.94
CA LEU A 54 5.93 -6.97 9.50
C LEU A 54 4.64 -7.68 9.09
N ASP A 55 4.12 -8.58 9.93
CA ASP A 55 2.93 -9.37 9.60
C ASP A 55 1.77 -8.46 9.27
N PRO A 56 1.32 -8.42 8.00
CA PRO A 56 0.23 -7.50 7.63
C PRO A 56 -1.13 -7.92 8.16
N PHE A 57 -1.28 -9.13 8.70
CA PHE A 57 -2.55 -9.61 9.23
C PHE A 57 -2.54 -9.68 10.75
N GLN A 58 -1.60 -9.00 11.38
CA GLN A 58 -1.55 -8.86 12.84
C GLN A 58 -1.88 -7.42 13.20
N ASN A 59 -2.50 -7.23 14.37
CA ASN A 59 -2.76 -5.91 14.92
C ASN A 59 -2.49 -5.95 16.41
N PHE A 60 -2.31 -4.76 17.00
CA PHE A 60 -2.04 -4.66 18.43
C PHE A 60 -2.97 -3.72 19.17
N GLY A 61 -3.69 -2.82 18.50
CA GLY A 61 -4.57 -1.89 19.15
C GLY A 61 -3.90 -0.62 19.64
N ILE A 62 -2.58 -0.60 19.77
CA ILE A 62 -1.85 0.57 20.22
C ILE A 62 -0.69 0.82 19.25
N SER A 63 -0.21 2.06 19.25
CA SER A 63 0.95 2.43 18.46
C SER A 63 2.18 2.73 19.31
N LYS A 64 2.03 2.84 20.62
CA LYS A 64 3.14 3.10 21.53
C LYS A 64 2.67 2.84 22.96
N LEU A 65 3.63 2.54 23.82
CA LEU A 65 3.34 2.42 25.25
C LEU A 65 3.16 3.80 25.86
N SER A 66 2.84 3.85 27.14
CA SER A 66 2.84 5.11 27.85
C SER A 66 4.26 5.70 27.89
N LYS A 67 4.34 7.03 28.07
CA LYS A 67 5.65 7.65 28.27
C LYS A 67 6.21 7.36 29.65
N ASP A 68 5.39 6.79 30.54
CA ASP A 68 5.88 6.20 31.77
C ASP A 68 6.92 5.11 31.51
N ALA A 69 7.09 4.68 30.25
CA ALA A 69 8.10 3.71 29.86
C ALA A 69 7.95 2.42 30.64
N GLY A 70 9.06 1.81 31.02
CA GLY A 70 9.03 0.63 31.84
C GLY A 70 9.55 0.90 33.23
N GLY A 71 10.83 0.66 33.45
CA GLY A 71 11.45 0.95 34.73
C GLY A 71 11.62 -0.27 35.62
N GLY A 72 12.61 -1.09 35.31
CA GLY A 72 12.92 -2.25 36.13
C GLY A 72 11.90 -3.37 36.03
N GLU A 73 12.08 -4.36 36.91
CA GLU A 73 11.26 -5.56 36.97
C GLU A 73 11.43 -6.42 35.73
N GLY A 74 10.41 -6.44 34.87
CA GLY A 74 10.44 -7.28 33.68
C GLY A 74 9.25 -8.21 33.64
N ILE A 75 8.77 -8.48 32.44
CA ILE A 75 7.70 -9.44 32.21
C ILE A 75 8.25 -10.56 31.35
N ASP A 76 7.78 -11.77 31.61
CA ASP A 76 8.19 -12.94 30.83
C ASP A 76 8.00 -12.67 29.35
N TRP A 77 9.07 -12.91 28.57
CA TRP A 77 9.01 -12.65 27.13
C TRP A 77 7.93 -13.49 26.46
N SER A 78 7.69 -14.71 26.97
CA SER A 78 6.57 -15.50 26.47
C SER A 78 5.24 -14.80 26.72
N THR A 79 5.08 -14.23 27.91
CA THR A 79 3.86 -13.49 28.22
C THR A 79 3.71 -12.27 27.30
N VAL A 80 4.82 -11.61 26.98
CA VAL A 80 4.77 -10.45 26.09
C VAL A 80 4.36 -10.88 24.69
N PHE A 81 5.01 -11.91 24.16
CA PHE A 81 4.68 -12.40 22.82
C PHE A 81 3.25 -12.92 22.77
N LYS A 82 2.78 -13.55 23.85
CA LYS A 82 1.39 -14.00 23.90
C LYS A 82 0.42 -12.83 23.84
N LEU A 83 0.70 -11.75 24.58
CA LEU A 83 -0.19 -10.59 24.56
C LEU A 83 -0.20 -9.93 23.19
N LEU A 84 0.96 -9.85 22.54
CA LEU A 84 1.03 -9.22 21.22
C LEU A 84 0.31 -10.06 20.18
N TYR A 85 0.48 -11.39 20.22
CA TYR A 85 -0.16 -12.25 19.24
C TYR A 85 -1.69 -12.16 19.33
N GLU A 86 -2.22 -12.12 20.56
CA GLU A 86 -3.65 -12.02 20.76
C GLU A 86 -4.19 -10.61 20.57
N GLY A 87 -3.34 -9.66 20.18
CA GLY A 87 -3.79 -8.30 19.96
C GLY A 87 -4.11 -7.52 21.22
N LYS A 88 -3.53 -7.91 22.35
CA LYS A 88 -3.81 -7.27 23.63
C LYS A 88 -2.76 -6.20 23.95
N GLY A 89 -2.61 -5.26 23.03
CA GLY A 89 -1.69 -4.16 23.25
C GLY A 89 -2.14 -3.24 24.37
N ARG A 90 -3.46 -3.03 24.48
CA ARG A 90 -3.98 -2.20 25.56
C ARG A 90 -3.68 -2.80 26.92
N ASP A 91 -3.86 -4.12 27.05
CA ASP A 91 -3.53 -4.78 28.32
C ASP A 91 -2.04 -4.72 28.61
N LEU A 92 -1.21 -4.81 27.57
CA LEU A 92 0.23 -4.71 27.77
C LEU A 92 0.61 -3.32 28.26
N LYS A 93 -0.03 -2.28 27.73
CA LYS A 93 0.28 -0.92 28.16
C LYS A 93 -0.13 -0.67 29.60
N LYS A 94 -1.21 -1.31 30.06
CA LYS A 94 -1.60 -1.16 31.46
C LYS A 94 -0.54 -1.73 32.40
N ARG A 95 0.24 -2.70 31.93
CA ARG A 95 1.30 -3.32 32.73
C ARG A 95 2.69 -2.89 32.28
N ASP A 96 2.80 -1.73 31.60
CA ASP A 96 4.04 -1.42 30.90
C ASP A 96 5.17 -1.05 31.85
N LYS A 97 4.87 -0.45 33.00
CA LYS A 97 5.91 -0.01 33.92
C LYS A 97 6.52 -1.17 34.71
N SER A 98 5.90 -2.35 34.65
CA SER A 98 6.52 -3.56 35.14
C SER A 98 7.49 -4.16 34.13
N LEU A 99 7.55 -3.62 32.91
CA LEU A 99 8.58 -3.97 31.97
C LEU A 99 9.88 -3.26 32.32
N THR A 100 11.00 -3.86 31.92
CA THR A 100 12.26 -3.14 31.98
C THR A 100 12.29 -2.08 30.88
N THR A 101 13.18 -1.11 31.05
CA THR A 101 13.29 -0.03 30.08
C THR A 101 13.73 -0.55 28.72
N LEU A 102 14.67 -1.50 28.70
CA LEU A 102 15.08 -2.10 27.43
C LEU A 102 13.94 -2.87 26.80
N GLN A 103 13.12 -3.52 27.62
CA GLN A 103 11.95 -4.24 27.10
C GLN A 103 10.97 -3.27 26.46
N ALA A 104 10.68 -2.14 27.13
CA ALA A 104 9.76 -1.16 26.56
C ALA A 104 10.31 -0.54 25.29
N LYS A 105 11.63 -0.42 25.19
CA LYS A 105 12.24 0.10 23.96
C LYS A 105 12.09 -0.88 22.81
N ILE A 106 12.22 -2.18 23.10
CA ILE A 106 12.09 -3.18 22.04
C ILE A 106 10.63 -3.29 21.60
N ILE A 107 9.70 -3.25 22.54
CA ILE A 107 8.28 -3.38 22.21
C ILE A 107 7.81 -2.18 21.41
N ASN A 108 8.24 -0.98 21.80
CA ASN A 108 7.94 0.21 21.01
C ASN A 108 8.54 0.11 19.62
N GLY A 109 9.68 -0.59 19.48
CA GLY A 109 10.25 -0.81 18.17
C GLY A 109 9.43 -1.76 17.32
N ILE A 110 8.71 -2.70 17.95
CA ILE A 110 7.82 -3.58 17.21
C ILE A 110 6.71 -2.78 16.55
N PHE A 111 6.22 -1.74 17.24
CA PHE A 111 5.11 -0.96 16.71
C PHE A 111 5.57 -0.03 15.58
N ASP A 112 6.64 0.74 15.82
CA ASP A 112 7.04 1.79 14.89
C ASP A 112 8.13 1.38 13.91
N GLY A 113 8.61 0.13 13.98
CA GLY A 113 9.61 -0.34 13.04
C GLY A 113 11.04 -0.17 13.50
N PHE A 114 11.29 -0.21 14.82
CA PHE A 114 12.64 -0.14 15.37
C PHE A 114 13.35 1.15 14.93
N ASP A 116 14.41 3.46 16.74
CA ASP A 116 15.53 3.78 17.61
C ASP A 116 16.83 3.19 17.11
N TRP A 117 16.77 2.03 16.44
CA TRP A 117 17.94 1.39 15.86
C TRP A 117 18.11 1.73 14.37
N LYS A 118 17.01 1.78 13.62
CA LYS A 118 17.00 1.95 12.17
C LYS A 118 17.86 0.89 11.50
N PRO A 119 17.47 -0.39 11.58
CA PRO A 119 18.29 -1.43 10.94
C PRO A 119 18.26 -1.38 9.42
N GLY A 120 17.17 -0.89 8.83
CA GLY A 120 17.10 -0.72 7.40
C GLY A 120 16.62 -1.93 6.61
N VAL A 121 15.95 -2.88 7.26
CA VAL A 121 15.41 -4.05 6.58
C VAL A 121 13.92 -4.14 6.91
N LYS A 122 13.11 -4.38 5.87
CA LYS A 122 11.67 -4.52 6.05
C LYS A 122 11.17 -5.80 5.41
N GLY A 123 9.94 -5.79 4.91
CA GLY A 123 9.35 -7.00 4.36
C GLY A 123 10.09 -7.53 3.14
N GLY A 124 10.64 -6.64 2.31
CA GLY A 124 11.38 -7.09 1.15
C GLY A 124 12.61 -7.89 1.51
N SER A 125 13.41 -7.37 2.45
CA SER A 125 14.62 -8.07 2.85
C SER A 125 14.31 -9.28 3.72
N PHE A 126 13.30 -9.16 4.60
CA PHE A 126 13.03 -10.23 5.54
C PHE A 126 12.52 -11.49 4.83
N LEU A 127 11.58 -11.33 3.90
CA LEU A 127 11.05 -12.47 3.18
C LEU A 127 12.06 -13.07 2.20
N ASP A 128 13.07 -12.28 1.79
CA ASP A 128 14.13 -12.83 0.97
C ASP A 128 15.00 -13.79 1.77
N VAL A 129 15.32 -13.41 3.02
CA VAL A 129 16.18 -14.24 3.85
C VAL A 129 15.37 -15.36 4.51
N PHE A 130 14.15 -15.05 4.98
CA PHE A 130 13.28 -16.01 5.65
C PHE A 130 11.98 -16.12 4.87
N PRO A 131 11.94 -16.91 3.79
CA PRO A 131 10.70 -17.04 3.03
C PRO A 131 9.59 -17.67 3.85
N ASP A 132 8.36 -17.22 3.59
CA ASP A 132 7.15 -17.79 4.17
C ASP A 132 7.07 -17.61 5.68
N SER A 133 7.74 -16.59 6.23
CA SER A 133 7.64 -16.32 7.66
C SER A 133 6.26 -15.83 8.05
N TYR A 134 5.53 -15.22 7.13
CA TYR A 134 4.16 -14.77 7.37
C TYR A 134 3.47 -14.67 6.01
N ARG A 135 2.15 -14.57 6.05
CA ARG A 135 1.37 -14.53 4.81
C ARG A 135 1.28 -13.11 4.28
N THR A 136 1.43 -12.98 2.97
CA THR A 136 1.25 -11.74 2.24
C THR A 136 0.15 -11.92 1.19
N PHE A 137 -0.23 -10.82 0.56
CA PHE A 137 -1.25 -10.81 -0.48
C PHE A 137 -0.81 -9.88 -1.59
N GLU A 138 -0.67 -10.41 -2.81
CA GLU A 138 -0.15 -9.64 -3.93
C GLU A 138 -1.10 -9.76 -5.11
N VAL A 139 -1.48 -8.60 -5.68
CA VAL A 139 -2.29 -8.54 -6.88
C VAL A 139 -1.53 -7.74 -7.93
N GLN A 140 -2.04 -7.80 -9.16
CA GLN A 140 -1.44 -7.03 -10.25
C GLN A 140 -1.71 -5.54 -10.05
N LYS A 141 -0.68 -4.72 -10.23
CA LYS A 141 -0.77 -3.28 -10.12
C LYS A 141 -0.32 -2.65 -11.43
N CYS A 142 -0.70 -1.38 -11.62
CA CYS A 142 -0.41 -0.66 -12.85
C CYS A 142 0.78 0.28 -12.67
N ALA A 143 1.61 0.38 -13.71
CA ALA A 143 2.64 1.40 -13.78
C ALA A 143 2.03 2.69 -14.34
N ASN A 144 2.85 3.75 -14.41
CA ASN A 144 2.36 5.02 -14.92
C ASN A 144 2.31 5.01 -16.44
N TRP A 145 1.38 5.78 -16.99
CA TRP A 145 1.22 5.86 -18.44
C TRP A 145 2.47 6.47 -19.07
N ASP A 146 2.99 5.79 -20.08
CA ASP A 146 4.18 6.23 -20.81
C ASP A 146 4.09 5.72 -22.24
N PRO A 147 3.90 6.61 -23.21
CA PRO A 147 3.80 6.16 -24.61
C PRO A 147 5.01 5.40 -25.11
N ASP A 148 6.18 5.62 -24.52
CA ASP A 148 7.37 4.90 -24.96
C ASP A 148 7.28 3.41 -24.69
N LEU A 149 6.49 3.02 -23.69
CA LEU A 149 6.34 1.61 -23.31
C LEU A 149 5.05 1.00 -23.86
N PHE A 150 4.29 1.72 -24.66
CA PHE A 150 3.05 1.19 -25.21
C PHE A 150 3.33 0.04 -26.16
N GLU A 151 2.58 -1.06 -26.00
CA GLU A 151 2.66 -2.21 -26.88
C GLU A 151 1.50 -2.16 -27.86
N ALA A 152 1.79 -2.38 -29.14
CA ALA A 152 0.79 -2.19 -30.19
C ALA A 152 -0.40 -3.11 -29.99
N ASN A 153 -1.58 -2.61 -30.38
CA ASN A 153 -2.84 -3.35 -30.29
C ASN A 153 -3.13 -3.79 -28.85
N SER A 154 -2.91 -2.87 -27.90
CA SER A 154 -3.32 -3.10 -26.53
C SER A 154 -4.83 -2.89 -26.41
N PHE A 155 -5.35 -3.08 -25.21
CA PHE A 155 -6.76 -2.87 -24.93
C PHE A 155 -6.91 -1.79 -23.87
N ALA A 156 -7.83 -0.86 -24.11
CA ALA A 156 -8.10 0.23 -23.19
C ALA A 156 -9.38 -0.06 -22.42
N GLN A 157 -9.38 0.29 -21.13
CA GLN A 157 -10.47 0.00 -20.24
C GLN A 157 -10.71 1.19 -19.33
N ILE A 158 -11.97 1.37 -18.94
CA ILE A 158 -12.32 2.44 -18.00
C ILE A 158 -11.67 2.15 -16.65
N LYS A 159 -11.04 3.17 -16.07
CA LYS A 159 -10.57 3.09 -14.69
C LYS A 159 -11.79 3.34 -13.79
N PHE A 160 -12.36 2.27 -13.27
CA PHE A 160 -13.60 2.39 -12.51
C PHE A 160 -13.35 3.00 -11.14
N ASP A 161 -14.35 3.74 -10.66
CA ASP A 161 -14.33 4.26 -9.31
C ASP A 161 -14.70 3.15 -8.33
N GLY A 162 -14.25 3.29 -7.09
CA GLY A 162 -14.55 2.33 -6.05
C GLY A 162 -13.29 1.78 -5.41
N ILE A 163 -13.38 0.54 -4.95
CA ILE A 163 -12.27 -0.13 -4.28
C ILE A 163 -11.93 -1.42 -5.02
N ARG A 164 -10.67 -1.80 -4.94
CA ARG A 164 -10.23 -3.08 -5.48
C ARG A 164 -10.78 -4.21 -4.62
N CYS A 165 -11.28 -5.26 -5.28
CA CYS A 165 -11.87 -6.38 -4.58
C CYS A 165 -11.64 -7.65 -5.37
N VAL A 166 -10.98 -8.62 -4.76
CA VAL A 166 -10.76 -9.94 -5.35
C VAL A 166 -11.73 -10.91 -4.72
N ALA A 167 -12.40 -11.71 -5.55
CA ALA A 167 -13.33 -12.73 -5.09
C ALA A 167 -12.73 -14.10 -5.38
N VAL A 169 -13.05 -18.16 -5.05
CA VAL A 169 -13.90 -19.32 -4.84
C VAL A 169 -12.99 -20.54 -4.79
N ASP A 170 -12.88 -21.16 -3.61
CA ASP A 170 -12.02 -22.32 -3.45
C ASP A 170 -12.65 -23.53 -4.12
N HIS A 171 -12.05 -24.69 -3.95
CA HIS A 171 -12.51 -25.90 -4.62
C HIS A 171 -13.76 -26.49 -3.96
N ASN A 172 -14.14 -26.01 -2.79
CA ASN A 172 -15.40 -26.41 -2.17
C ASN A 172 -16.55 -25.51 -2.57
N GLY A 173 -16.31 -24.52 -3.43
CA GLY A 173 -17.34 -23.57 -3.79
C GLY A 173 -17.58 -22.48 -2.77
N ASN A 174 -16.69 -22.31 -1.80
CA ASN A 174 -16.83 -21.27 -0.79
C ASN A 174 -16.08 -20.02 -1.22
N LEU A 175 -16.74 -18.88 -1.07
CA LEU A 175 -16.26 -17.62 -1.61
C LEU A 175 -15.89 -16.64 -0.50
N THR A 176 -14.85 -15.85 -0.75
CA THR A 176 -14.48 -14.75 0.13
C THR A 176 -14.12 -13.54 -0.73
N TYR A 177 -14.56 -12.36 -0.27
CA TYR A 177 -14.19 -11.10 -0.89
C TYR A 177 -13.08 -10.46 -0.08
N VAL A 178 -11.94 -10.21 -0.73
CA VAL A 178 -10.81 -9.57 -0.07
C VAL A 178 -10.44 -8.32 -0.86
N SER A 179 -9.75 -7.42 -0.18
CA SER A 179 -9.39 -6.13 -0.74
C SER A 179 -8.02 -6.23 -1.43
N ARG A 180 -7.47 -5.07 -1.80
CA ARG A 180 -6.16 -5.03 -2.45
C ARG A 180 -5.08 -5.66 -1.58
N ASN A 181 -5.24 -5.60 -0.26
CA ASN A 181 -4.24 -6.13 0.67
C ASN A 181 -4.74 -7.34 1.44
N GLY A 182 -5.79 -8.01 0.95
CA GLY A 182 -6.24 -9.26 1.54
C GLY A 182 -7.19 -9.13 2.72
N LYS A 183 -7.70 -7.93 2.99
CA LYS A 183 -8.64 -7.76 4.10
C LYS A 183 -10.08 -7.92 3.62
N PRO A 184 -10.99 -8.34 4.49
CA PRO A 184 -12.36 -8.64 4.05
C PRO A 184 -13.06 -7.41 3.48
N VAL A 185 -13.94 -7.67 2.51
CA VAL A 185 -14.79 -6.65 1.90
C VAL A 185 -16.24 -7.09 2.09
N VAL A 186 -17.09 -6.18 2.54
CA VAL A 186 -18.44 -6.54 2.97
C VAL A 186 -19.48 -5.83 2.11
N ASN A 187 -20.73 -6.30 2.23
CA ASN A 187 -21.89 -5.67 1.62
C ASN A 187 -21.81 -5.68 0.08
N ILE A 188 -21.48 -6.84 -0.48
CA ILE A 188 -21.56 -7.07 -1.92
C ILE A 188 -22.91 -7.72 -2.21
N ASP A 189 -23.47 -7.41 -3.37
CA ASP A 189 -24.77 -7.90 -3.80
C ASP A 189 -24.83 -9.43 -3.68
N PRO A 190 -25.79 -9.99 -2.94
CA PRO A 190 -25.78 -11.43 -2.69
C PRO A 190 -25.98 -12.29 -3.93
N ARG A 191 -26.62 -11.76 -4.97
CA ARG A 191 -26.72 -12.49 -6.23
C ARG A 191 -25.33 -12.81 -6.79
N ILE A 192 -24.35 -11.97 -6.48
CA ILE A 192 -23.01 -12.16 -7.04
C ILE A 192 -22.34 -13.38 -6.44
N GLU A 193 -22.40 -13.52 -5.11
CA GLU A 193 -21.83 -14.69 -4.47
C GLU A 193 -22.55 -15.96 -4.88
N GLU A 194 -23.89 -15.90 -4.98
CA GLU A 194 -24.68 -17.08 -5.31
C GLU A 194 -24.31 -17.64 -6.68
N ASN A 195 -24.03 -16.75 -7.64
CA ASN A 195 -23.72 -17.20 -9.00
C ASN A 195 -22.26 -17.61 -9.15
N LYS A 197 -20.32 -18.96 -6.82
CA LYS A 197 -20.11 -20.25 -6.18
C LYS A 197 -20.27 -21.41 -7.16
N LEU A 198 -20.93 -21.18 -8.29
CA LEU A 198 -21.08 -22.17 -9.35
C LEU A 198 -19.81 -22.36 -10.16
N HIS A 199 -18.74 -21.62 -9.87
CA HIS A 199 -17.46 -21.74 -10.56
C HIS A 199 -16.35 -21.92 -9.53
N PRO A 200 -16.27 -23.09 -8.91
CA PRO A 200 -15.24 -23.30 -7.88
C PRO A 200 -13.85 -23.37 -8.49
N GLY A 201 -12.87 -22.94 -7.69
CA GLY A 201 -11.49 -22.95 -8.14
C GLY A 201 -11.09 -21.78 -9.00
N TRP A 202 -11.71 -20.61 -8.78
CA TRP A 202 -11.44 -19.44 -9.60
C TRP A 202 -11.38 -18.20 -8.72
N CYS A 203 -10.53 -17.25 -9.10
CA CYS A 203 -10.43 -15.95 -8.46
C CYS A 203 -10.73 -14.88 -9.50
N PHE A 204 -11.57 -13.91 -9.14
CA PHE A 204 -12.03 -12.88 -10.06
C PHE A 204 -11.60 -11.51 -9.54
N ASP A 205 -10.85 -10.79 -10.37
CA ASP A 205 -10.33 -9.48 -10.02
C ASP A 205 -11.32 -8.41 -10.48
N ALA A 206 -11.75 -7.56 -9.56
CA ALA A 206 -12.86 -6.66 -9.85
C ALA A 206 -12.70 -5.35 -9.10
N GLU A 207 -13.61 -4.42 -9.39
CA GLU A 207 -13.78 -3.17 -8.65
C GLU A 207 -15.17 -3.15 -8.06
N ALA A 208 -15.26 -2.84 -6.77
CA ALA A 208 -16.53 -2.76 -6.06
C ALA A 208 -16.96 -1.31 -5.93
N ASP A 209 -18.22 -1.02 -6.26
CA ASP A 209 -18.73 0.34 -6.19
C ASP A 209 -20.26 0.28 -6.19
N SER A 210 -20.86 1.42 -5.86
CA SER A 210 -22.31 1.53 -5.86
C SER A 210 -22.85 1.36 -7.28
N PRO A 211 -24.03 0.77 -7.43
CA PRO A 211 -24.62 0.64 -8.78
C PRO A 211 -24.93 1.97 -9.45
N ALA A 212 -25.02 3.05 -8.68
CA ALA A 212 -25.30 4.37 -9.26
C ALA A 212 -24.12 4.86 -10.10
N ASN A 229 -25.54 0.05 3.97
CA ASN A 229 -26.27 0.95 3.08
C ASN A 229 -26.83 0.19 1.88
N ILE A 230 -26.67 0.79 0.70
CA ILE A 230 -26.97 0.11 -0.55
C ILE A 230 -25.82 -0.83 -0.87
N LYS A 231 -26.14 -2.06 -1.25
CA LYS A 231 -25.11 -3.06 -1.48
C LYS A 231 -24.34 -2.75 -2.77
N LEU A 232 -23.05 -3.03 -2.74
CA LEU A 232 -22.19 -2.75 -3.87
C LEU A 232 -22.28 -3.86 -4.91
N THR A 233 -21.94 -3.50 -6.15
CA THR A 233 -21.82 -4.45 -7.26
C THR A 233 -20.36 -4.47 -7.71
N LEU A 234 -20.07 -5.35 -8.67
CA LEU A 234 -18.72 -5.56 -9.14
C LEU A 234 -18.61 -5.33 -10.65
N ARG A 235 -17.47 -4.80 -11.06
CA ARG A 235 -17.05 -4.80 -12.46
C ARG A 235 -15.82 -5.69 -12.54
N VAL A 236 -15.97 -6.86 -13.15
CA VAL A 236 -14.91 -7.86 -13.18
C VAL A 236 -14.05 -7.65 -14.42
N PHE A 237 -12.73 -7.60 -14.24
CA PHE A 237 -11.83 -7.40 -15.36
C PHE A 237 -10.74 -8.46 -15.49
N ASP A 238 -10.71 -9.48 -14.64
CA ASP A 238 -9.74 -10.56 -14.79
C ASP A 238 -10.21 -11.78 -14.02
N ALA A 239 -9.65 -12.94 -14.40
CA ALA A 239 -9.99 -14.21 -13.77
C ALA A 239 -8.77 -15.12 -13.79
N ILE A 240 -8.42 -15.67 -12.62
CA ILE A 240 -7.27 -16.55 -12.47
C ILE A 240 -7.71 -17.82 -11.76
N PRO A 241 -7.22 -19.00 -12.16
CA PRO A 241 -7.51 -20.21 -11.39
C PRO A 241 -7.03 -20.09 -9.96
N TYR A 242 -7.78 -20.69 -9.04
CA TYR A 242 -7.51 -20.56 -7.62
C TYR A 242 -6.10 -21.04 -7.26
N ASP A 243 -5.68 -22.16 -7.82
CA ASP A 243 -4.36 -22.70 -7.49
C ASP A 243 -3.24 -21.84 -8.08
N ALA A 244 -3.41 -21.39 -9.33
CA ALA A 244 -2.41 -20.51 -9.93
C ALA A 244 -2.33 -19.18 -9.19
N PHE A 245 -3.47 -18.71 -8.66
CA PHE A 245 -3.47 -17.46 -7.91
C PHE A 245 -2.66 -17.58 -6.63
N LEU A 246 -2.87 -18.66 -5.87
CA LEU A 246 -2.11 -18.86 -4.65
C LEU A 246 -0.62 -19.07 -4.93
N ALA A 247 -0.29 -19.71 -6.05
CA ALA A 247 1.09 -19.93 -6.43
C ALA A 247 1.74 -18.70 -7.04
N ARG A 248 0.96 -17.66 -7.35
CA ARG A 248 1.46 -16.43 -7.97
C ARG A 248 2.22 -16.75 -9.25
N LYS A 249 1.60 -17.55 -10.11
CA LYS A 249 2.19 -17.93 -11.39
C LYS A 249 1.08 -18.35 -12.33
N TYR A 250 1.02 -17.71 -13.50
CA TYR A 250 0.00 -17.98 -14.52
C TYR A 250 0.46 -17.31 -15.81
N ASP A 251 0.65 -18.10 -16.87
CA ASP A 251 1.26 -17.64 -18.11
C ASP A 251 0.27 -17.45 -19.26
N VAL A 252 -1.04 -17.47 -18.99
CA VAL A 252 -2.01 -17.16 -20.03
C VAL A 252 -2.03 -15.66 -20.28
N GLN A 253 -1.92 -15.26 -21.55
CA GLN A 253 -1.86 -13.85 -21.90
C GLN A 253 -3.22 -13.18 -21.68
N TYR A 254 -3.22 -11.86 -21.78
CA TYR A 254 -4.38 -11.07 -21.36
C TYR A 254 -5.61 -11.38 -22.22
N ILE A 255 -5.48 -11.25 -23.55
CA ILE A 255 -6.65 -11.39 -24.41
C ILE A 255 -7.24 -12.79 -24.32
N GLU A 256 -6.40 -13.80 -24.13
CA GLU A 256 -6.92 -15.15 -23.93
C GLU A 256 -7.59 -15.28 -22.57
N ARG A 257 -7.02 -14.64 -21.54
CA ARG A 257 -7.65 -14.62 -20.23
C ARG A 257 -9.01 -13.94 -20.29
N TYR A 258 -9.11 -12.84 -21.04
CA TYR A 258 -10.38 -12.14 -21.18
C TYR A 258 -11.41 -13.01 -21.89
N ASN A 259 -11.03 -13.60 -23.03
CA ASN A 259 -11.96 -14.45 -23.77
C ASN A 259 -12.33 -15.70 -22.99
N ASP A 260 -11.41 -16.21 -22.16
CA ASP A 260 -11.74 -17.36 -21.31
C ASP A 260 -12.82 -16.99 -20.29
N LEU A 261 -12.75 -15.77 -19.74
CA LEU A 261 -13.78 -15.34 -18.81
C LEU A 261 -15.12 -15.17 -19.51
N LYS A 262 -15.12 -14.64 -20.73
CA LYS A 262 -16.37 -14.42 -21.45
C LYS A 262 -17.07 -15.73 -21.76
N SER A 263 -16.32 -16.79 -22.03
CA SER A 263 -16.91 -18.07 -22.44
C SER A 263 -17.43 -18.86 -21.24
N TRP A 265 -18.65 -17.66 -18.63
CA TRP A 265 -19.82 -16.96 -18.11
C TRP A 265 -20.86 -16.69 -19.19
N SER A 266 -20.67 -17.20 -20.40
CA SER A 266 -21.61 -16.91 -21.49
C SER A 266 -23.01 -17.43 -21.17
N ASN A 267 -23.09 -18.63 -20.56
CA ASN A 267 -24.37 -19.23 -20.23
C ASN A 267 -25.06 -18.57 -19.03
N ASN A 268 -24.35 -17.71 -18.29
CA ASN A 268 -24.90 -17.03 -17.13
C ASN A 268 -25.00 -15.54 -17.44
N PRO A 269 -26.16 -15.05 -17.89
CA PRO A 269 -26.26 -13.64 -18.27
C PRO A 269 -26.01 -12.67 -17.13
N PHE A 270 -26.39 -13.02 -15.90
CA PHE A 270 -26.16 -12.12 -14.77
C PHE A 270 -24.67 -11.89 -14.55
N LEU A 271 -23.88 -12.96 -14.56
CA LEU A 271 -22.44 -12.81 -14.39
C LEU A 271 -21.81 -12.17 -15.62
N PHE A 272 -22.33 -12.49 -16.82
CA PHE A 272 -21.72 -11.99 -18.05
C PHE A 272 -21.77 -10.48 -18.12
N ASP A 273 -22.87 -9.88 -17.65
CA ASP A 273 -23.00 -8.43 -17.67
C ASP A 273 -22.08 -7.73 -16.69
N LEU A 274 -21.54 -8.45 -15.71
CA LEU A 274 -20.55 -7.87 -14.80
C LEU A 274 -19.19 -7.69 -15.44
N ILE A 275 -18.93 -8.33 -16.58
CA ILE A 275 -17.63 -8.25 -17.21
C ILE A 275 -17.42 -6.85 -17.77
N ALA A 276 -16.29 -6.24 -17.41
CA ALA A 276 -15.98 -4.91 -17.91
C ALA A 276 -15.57 -4.97 -19.37
N ASP A 277 -16.08 -4.04 -20.16
CA ASP A 277 -15.72 -3.97 -21.57
C ASP A 277 -14.31 -3.42 -21.72
N HIS A 278 -13.73 -3.67 -22.90
CA HIS A 278 -12.48 -3.04 -23.28
C HIS A 278 -12.52 -2.71 -24.76
N THR A 279 -11.60 -1.84 -25.18
CA THR A 279 -11.55 -1.35 -26.54
C THR A 279 -10.15 -1.52 -27.09
N LEU A 280 -10.04 -2.08 -28.29
CA LEU A 280 -8.73 -2.22 -28.93
C LEU A 280 -8.18 -0.85 -29.28
N VAL A 281 -6.92 -0.62 -28.93
CA VAL A 281 -6.22 0.61 -29.28
C VAL A 281 -4.96 0.21 -30.05
N GLU A 282 -4.93 0.55 -31.33
CA GLU A 282 -3.79 0.16 -32.16
C GLU A 282 -2.55 0.95 -31.81
N THR A 283 -2.68 2.27 -31.68
CA THR A 283 -1.57 3.17 -31.37
C THR A 283 -1.77 3.78 -29.99
N TRP A 284 -0.71 4.43 -29.50
CA TRP A 284 -0.81 5.08 -28.19
C TRP A 284 -1.68 6.32 -28.25
N GLU A 285 -1.79 6.95 -29.43
CA GLU A 285 -2.71 8.07 -29.60
C GLU A 285 -4.17 7.62 -29.55
N ASP A 286 -4.43 6.37 -29.95
CA ASP A 286 -5.77 5.81 -29.76
C ASP A 286 -6.07 5.61 -28.28
N ALA A 287 -5.06 5.20 -27.51
CA ALA A 287 -5.23 5.06 -26.06
C ALA A 287 -5.51 6.41 -25.42
N GLN A 288 -4.77 7.45 -25.84
CA GLN A 288 -5.03 8.80 -25.35
C GLN A 288 -6.44 9.25 -25.69
N LYS A 289 -6.89 8.94 -26.91
CA LYS A 289 -8.25 9.32 -27.30
C LYS A 289 -9.29 8.61 -26.45
N PHE A 290 -9.06 7.32 -26.14
CA PHE A 290 -9.98 6.61 -25.26
C PHE A 290 -10.02 7.24 -23.88
N TYR A 291 -8.86 7.67 -23.37
CA TYR A 291 -8.81 8.30 -22.06
C TYR A 291 -9.63 9.59 -22.04
N GLU A 292 -9.52 10.40 -23.09
CA GLU A 292 -10.26 11.65 -23.14
C GLU A 292 -11.76 11.39 -23.27
N ASP A 293 -12.15 10.42 -24.09
CA ASP A 293 -13.56 10.03 -24.15
C ASP A 293 -14.05 9.55 -22.79
N SER A 294 -13.22 8.78 -22.08
CA SER A 294 -13.60 8.31 -20.75
C SER A 294 -13.77 9.47 -19.79
N ARG A 295 -12.88 10.47 -19.87
CA ARG A 295 -13.01 11.65 -19.02
C ARG A 295 -14.27 12.43 -19.37
N ALA A 296 -14.61 12.52 -20.66
CA ALA A 296 -15.81 13.24 -21.07
C ALA A 296 -17.07 12.56 -20.56
N ASN A 297 -17.06 11.23 -20.41
CA ASN A 297 -18.21 10.51 -19.92
C ASN A 297 -18.29 10.49 -18.39
N GLY A 298 -17.38 11.19 -17.70
CA GLY A 298 -17.44 11.30 -16.26
C GLY A 298 -16.64 10.29 -15.48
N ASN A 299 -15.76 9.53 -16.13
CA ASN A 299 -14.95 8.52 -15.45
C ASN A 299 -13.63 9.12 -14.98
N GLU A 300 -12.95 8.39 -14.10
CA GLU A 300 -11.69 8.87 -13.54
C GLU A 300 -10.59 8.89 -14.59
N GLY A 301 -10.50 7.83 -15.39
CA GLY A 301 -9.46 7.73 -16.40
C GLY A 301 -9.53 6.43 -17.16
N ALA A 302 -8.38 5.87 -17.52
CA ALA A 302 -8.35 4.64 -18.27
C ALA A 302 -7.17 3.79 -17.83
N ILE A 303 -7.24 2.50 -18.18
CA ILE A 303 -6.15 1.56 -17.97
C ILE A 303 -5.86 0.89 -19.30
N VAL A 304 -4.58 0.85 -19.67
CA VAL A 304 -4.14 0.24 -20.93
C VAL A 304 -3.47 -1.08 -20.60
N LYS A 305 -3.95 -2.15 -21.22
CA LYS A 305 -3.49 -3.51 -20.93
C LYS A 305 -2.93 -4.14 -22.19
N LYS A 306 -1.68 -4.60 -22.11
CA LYS A 306 -1.05 -5.25 -23.24
C LYS A 306 -1.72 -6.59 -23.52
N ARG A 307 -1.96 -6.87 -24.80
CA ARG A 307 -2.67 -8.09 -25.17
C ARG A 307 -1.85 -9.35 -24.88
N PHE A 308 -0.52 -9.22 -24.82
CA PHE A 308 0.36 -10.35 -24.51
C PHE A 308 0.78 -10.40 -23.06
N GLY A 309 0.27 -9.50 -22.23
CA GLY A 309 0.72 -9.44 -20.85
C GLY A 309 0.11 -10.54 -20.00
N THR A 310 0.93 -11.07 -19.09
CA THR A 310 0.48 -12.06 -18.11
C THR A 310 0.18 -11.39 -16.78
N TYR A 311 -0.66 -12.04 -15.98
CA TYR A 311 -0.91 -11.60 -14.62
C TYR A 311 0.33 -11.91 -13.78
N ASN A 312 1.03 -10.86 -13.35
CA ASN A 312 2.35 -11.02 -12.74
C ASN A 312 2.35 -10.80 -11.23
N PHE A 313 1.21 -10.44 -10.62
CA PHE A 313 1.09 -10.28 -9.18
C PHE A 313 2.05 -9.21 -8.64
N GLY A 314 2.35 -8.21 -9.47
CA GLY A 314 3.22 -7.12 -9.07
C GLY A 314 2.91 -5.86 -9.86
N ARG A 315 3.84 -4.91 -9.87
CA ARG A 315 3.68 -3.67 -10.63
C ARG A 315 4.61 -3.70 -11.84
N ASP A 316 4.03 -3.62 -13.03
CA ASP A 316 4.79 -3.53 -14.26
C ASP A 316 3.88 -2.92 -15.33
N ASP A 317 4.44 -2.69 -16.51
CA ASP A 317 3.72 -1.94 -17.54
C ASP A 317 2.73 -2.78 -18.35
N SER A 318 2.50 -4.04 -17.97
CA SER A 318 1.41 -4.79 -18.61
C SER A 318 0.08 -4.11 -18.38
N TRP A 319 -0.08 -3.45 -17.23
CA TRP A 319 -1.16 -2.50 -16.97
C TRP A 319 -0.55 -1.12 -16.77
N LYS A 321 -1.91 2.99 -16.00
CA LYS A 321 -3.04 3.84 -15.68
C LYS A 321 -2.86 5.22 -16.30
N VAL A 322 -3.97 5.80 -16.77
CA VAL A 322 -4.00 7.15 -17.32
C VAL A 322 -4.92 7.96 -16.43
N LYS A 323 -4.35 8.91 -15.68
CA LYS A 323 -5.09 9.69 -14.71
C LYS A 323 -4.84 11.19 -14.93
N PRO A 324 -5.82 12.02 -14.59
CA PRO A 324 -5.62 13.47 -14.75
C PRO A 324 -4.58 14.00 -13.78
N LEU A 325 -4.03 15.15 -14.13
CA LEU A 325 -3.00 15.80 -13.31
C LEU A 325 -3.08 17.29 -13.56
N GLU A 326 -3.49 18.04 -12.53
CA GLU A 326 -3.59 19.50 -12.61
C GLU A 326 -2.33 20.14 -12.04
N THR A 327 -2.04 21.34 -12.53
CA THR A 327 -0.90 22.13 -12.08
C THR A 327 -1.41 23.52 -11.69
N ILE A 328 -0.98 24.00 -10.53
CA ILE A 328 -1.48 25.27 -9.98
C ILE A 328 -0.34 25.96 -9.24
N GLU A 329 -0.46 27.29 -9.13
CA GLU A 329 0.46 28.09 -8.34
C GLU A 329 -0.18 28.39 -6.98
N ALA A 330 0.54 28.09 -5.91
CA ALA A 330 0.04 28.25 -4.56
C ALA A 330 1.03 29.03 -3.70
N ARG A 331 0.52 29.61 -2.63
CA ARG A 331 1.33 30.37 -1.70
C ARG A 331 1.65 29.50 -0.49
N ILE A 332 2.94 29.31 -0.21
CA ILE A 332 3.34 28.69 1.04
C ILE A 332 2.91 29.59 2.18
N ILE A 333 2.16 29.05 3.14
CA ILE A 333 1.71 29.81 4.29
C ILE A 333 2.09 29.17 5.61
N GLY A 334 2.82 28.07 5.58
CA GLY A 334 3.20 27.40 6.81
C GLY A 334 3.98 26.14 6.48
N TYR A 335 4.51 25.53 7.54
CA TYR A 335 5.29 24.30 7.40
C TYR A 335 5.11 23.48 8.67
N GLU A 336 5.52 22.21 8.59
CA GLU A 336 5.53 21.33 9.73
C GLU A 336 6.81 20.50 9.70
N GLU A 337 7.53 20.49 10.82
CA GLU A 337 8.75 19.72 10.92
C GLU A 337 8.46 18.23 10.73
N GLY A 338 9.49 17.50 10.33
CA GLY A 338 9.39 16.05 10.28
C GLY A 338 8.98 15.48 11.62
N LYS A 339 8.16 14.42 11.60
CA LYS A 339 7.66 13.81 12.83
C LYS A 339 8.81 13.19 13.62
N PRO A 340 8.61 12.98 14.93
CA PRO A 340 9.71 12.51 15.79
C PRO A 340 10.36 11.23 15.28
N LYS A 341 11.69 11.18 15.40
CA LYS A 341 12.55 10.05 15.07
C LYS A 341 12.65 9.77 13.58
N THR A 342 12.06 10.61 12.73
CA THR A 342 12.16 10.43 11.29
C THR A 342 13.43 11.09 10.76
N LYS A 343 13.75 10.79 9.50
CA LYS A 343 14.89 11.42 8.84
C LYS A 343 14.66 12.89 8.54
N HIS A 344 13.45 13.40 8.76
CA HIS A 344 13.11 14.79 8.46
C HIS A 344 13.04 15.66 9.72
N VAL A 345 13.52 15.15 10.86
CA VAL A 345 13.61 15.99 12.05
C VAL A 345 14.59 17.12 11.78
N GLY A 346 14.23 18.33 12.21
CA GLY A 346 15.06 19.48 11.96
C GLY A 346 14.94 20.07 10.58
N ARG A 347 13.99 19.61 9.78
CA ARG A 347 13.73 20.20 8.47
C ARG A 347 12.25 20.02 8.15
N VAL A 348 11.86 20.44 6.94
CA VAL A 348 10.45 20.48 6.56
C VAL A 348 9.97 19.06 6.29
N GLY A 349 8.90 18.67 6.99
CA GLY A 349 8.22 17.42 6.68
C GLY A 349 7.13 17.63 5.65
N ALA A 350 6.31 18.66 5.86
CA ALA A 350 5.25 19.00 4.94
C ALA A 350 5.07 20.51 4.90
N LEU A 351 4.70 21.02 3.74
CA LEU A 351 4.35 22.43 3.57
C LEU A 351 2.84 22.60 3.64
N ILE A 352 2.42 23.78 4.10
CA ILE A 352 1.01 24.17 4.11
C ILE A 352 0.84 25.27 3.08
N VAL A 353 0.01 25.02 2.07
CA VAL A 353 -0.13 25.93 0.95
C VAL A 353 -1.59 26.35 0.80
N GLN A 354 -1.79 27.48 0.14
CA GLN A 354 -3.11 28.01 -0.17
C GLN A 354 -3.13 28.49 -1.62
N ASP A 355 -4.26 28.33 -2.27
CA ASP A 355 -4.43 28.74 -3.66
C ASP A 355 -5.54 29.77 -3.77
N TYR A 356 -5.83 30.18 -5.01
CA TYR A 356 -6.70 31.32 -5.24
C TYR A 356 -8.16 31.03 -4.88
N THR A 357 -8.54 29.76 -4.73
CA THR A 357 -9.88 29.44 -4.27
C THR A 357 -10.04 29.57 -2.76
N GLY A 358 -8.95 29.86 -2.05
CA GLY A 358 -8.98 29.91 -0.60
C GLY A 358 -8.73 28.60 0.10
N ALA A 359 -8.69 27.49 -0.64
CA ALA A 359 -8.47 26.19 -0.04
C ALA A 359 -7.05 26.06 0.49
N ILE A 360 -6.90 25.42 1.64
CA ILE A 360 -5.61 25.19 2.27
C ILE A 360 -5.33 23.70 2.25
N SER A 361 -4.21 23.32 1.65
CA SER A 361 -3.85 21.92 1.49
C SER A 361 -2.40 21.70 1.93
N ARG A 362 -2.13 20.48 2.40
CA ARG A 362 -0.79 20.10 2.84
C ARG A 362 -0.08 19.34 1.72
N VAL A 363 1.21 19.65 1.56
CA VAL A 363 2.05 19.02 0.53
C VAL A 363 3.21 18.34 1.26
N GLY A 364 3.29 17.03 1.13
CA GLY A 364 4.26 16.26 1.89
C GLY A 364 5.38 15.64 1.09
N SER A 365 5.32 15.75 -0.23
CA SER A 365 6.34 15.17 -1.09
C SER A 365 6.63 16.12 -2.25
N GLY A 366 7.65 15.76 -3.04
CA GLY A 366 8.07 16.57 -4.16
C GLY A 366 9.33 17.38 -3.93
N SER A 368 13.43 17.55 -2.57
CA SER A 368 14.63 16.82 -2.19
C SER A 368 14.95 17.05 -0.72
N ASP A 369 15.83 16.20 -0.18
CA ASP A 369 16.24 16.35 1.20
C ASP A 369 16.93 17.70 1.42
N LYS A 370 17.73 18.15 0.45
CA LYS A 370 18.38 19.44 0.57
C LYS A 370 17.37 20.58 0.52
N GLU A 371 16.36 20.47 -0.36
CA GLU A 371 15.33 21.50 -0.43
C GLU A 371 14.53 21.57 0.87
N ARG A 372 14.32 20.42 1.53
CA ARG A 372 13.64 20.44 2.82
C ARG A 372 14.45 21.17 3.88
N GLN A 373 15.77 21.10 3.81
CA GLN A 373 16.62 21.77 4.79
C GLN A 373 16.74 23.26 4.49
N TYR A 374 16.83 23.64 3.21
CA TYR A 374 16.93 25.04 2.85
C TYR A 374 15.69 25.81 3.32
N ILE A 375 14.50 25.28 3.04
CA ILE A 375 13.27 25.97 3.42
C ILE A 375 13.19 26.12 4.94
N TYR A 376 13.65 25.11 5.67
CA TYR A 376 13.60 25.17 7.13
C TYR A 376 14.48 26.28 7.67
N ASP A 377 15.65 26.49 7.05
CA ASP A 377 16.59 27.49 7.55
C ASP A 377 16.23 28.88 7.04
N ASN A 378 16.07 29.03 5.71
CA ASN A 378 15.72 30.32 5.11
C ASN A 378 14.20 30.43 4.94
N TRP A 379 13.50 30.36 6.07
CA TRP A 379 12.04 30.45 6.06
C TRP A 379 11.55 31.82 5.60
N ASP A 380 12.42 32.84 5.64
CA ASP A 380 12.03 34.16 5.15
C ASP A 380 11.83 34.16 3.64
N GLU A 381 12.57 33.32 2.92
CA GLU A 381 12.45 33.25 1.47
C GLU A 381 11.13 32.66 1.01
N PHE A 382 10.34 32.04 1.90
CA PHE A 382 9.21 31.24 1.48
C PHE A 382 7.90 31.53 2.21
N GLU A 383 7.93 32.25 3.35
CA GLU A 383 6.75 32.34 4.21
C GLU A 383 5.48 32.70 3.47
N ASN A 384 5.57 33.52 2.41
CA ASN A 384 4.40 33.83 1.60
C ASN A 384 4.71 33.80 0.11
N ALA A 385 5.79 33.14 -0.30
CA ALA A 385 6.14 33.09 -1.70
C ALA A 385 5.26 32.10 -2.46
N LEU A 386 5.34 32.17 -3.79
CA LEU A 386 4.57 31.30 -4.66
C LEU A 386 5.39 30.07 -5.04
N CYS A 387 4.72 28.93 -5.10
CA CYS A 387 5.31 27.68 -5.55
C CYS A 387 4.38 27.05 -6.58
N GLU A 388 4.85 25.95 -7.18
CA GLU A 388 4.03 25.19 -8.13
C GLU A 388 3.72 23.83 -7.53
N VAL A 389 2.43 23.48 -7.53
CA VAL A 389 1.95 22.23 -6.96
C VAL A 389 1.24 21.45 -8.06
N LYS A 390 1.46 20.14 -8.08
CA LYS A 390 0.74 19.24 -8.96
C LYS A 390 -0.12 18.29 -8.13
N PHE A 391 -1.35 18.09 -8.59
CA PHE A 391 -2.31 17.24 -7.88
C PHE A 391 -3.24 16.64 -8.92
N GLU A 393 -6.73 16.08 -8.59
CA GLU A 393 -8.00 16.79 -8.65
C GLU A 393 -8.28 17.34 -7.26
N ARG A 394 -9.36 18.10 -7.16
CA ARG A 394 -9.85 18.57 -5.88
C ARG A 394 -10.82 17.58 -5.28
N THR A 395 -10.81 17.46 -3.96
CA THR A 395 -11.76 16.62 -3.26
C THR A 395 -13.09 17.34 -3.13
N GLU A 396 -14.07 16.66 -2.52
CA GLU A 396 -15.37 17.27 -2.29
C GLU A 396 -15.28 18.48 -1.37
N SER A 397 -14.22 18.56 -0.55
CA SER A 397 -14.03 19.70 0.34
C SER A 397 -13.28 20.85 -0.32
N GLY A 398 -12.68 20.63 -1.48
CA GLY A 398 -11.98 21.67 -2.19
C GLY A 398 -10.47 21.63 -2.08
N VAL A 399 -9.91 20.75 -1.27
CA VAL A 399 -8.46 20.67 -1.09
C VAL A 399 -7.88 19.71 -2.13
N PHE A 400 -6.54 19.67 -2.21
CA PHE A 400 -5.88 18.86 -3.21
C PHE A 400 -5.96 17.38 -2.85
N ARG A 401 -6.08 16.53 -3.87
CA ARG A 401 -5.97 15.09 -3.71
C ARG A 401 -4.68 14.64 -4.39
N HIS A 402 -3.84 13.92 -3.64
CA HIS A 402 -2.54 13.44 -4.12
C HIS A 402 -1.66 14.61 -4.56
N SER A 403 -1.45 15.54 -3.63
CA SER A 403 -0.66 16.73 -3.92
C SER A 403 0.84 16.40 -3.91
N ARG A 404 1.60 17.16 -4.70
CA ARG A 404 3.04 17.01 -4.75
C ARG A 404 3.64 18.31 -5.27
N LEU A 405 4.81 18.66 -4.77
CA LEU A 405 5.45 19.92 -5.15
C LEU A 405 6.26 19.72 -6.43
N SER A 406 6.05 20.60 -7.40
CA SER A 406 6.79 20.55 -8.66
C SER A 406 7.86 21.62 -8.77
N LYS A 407 7.68 22.77 -8.12
CA LYS A 407 8.67 23.83 -8.14
C LYS A 407 8.63 24.56 -6.80
N ILE A 408 9.79 24.66 -6.15
CA ILE A 408 9.85 25.36 -4.87
C ILE A 408 9.75 26.87 -5.06
N ARG A 409 10.22 27.38 -6.19
CA ARG A 409 10.19 28.80 -6.52
C ARG A 409 9.91 28.94 -8.01
N LEU A 410 9.55 30.16 -8.43
CA LEU A 410 9.10 30.39 -9.79
C LEU A 410 10.04 31.37 -10.51
N ASP A 411 10.10 31.23 -11.83
CA ASP A 411 11.05 32.04 -12.59
C ASP A 411 10.41 33.30 -13.13
#